data_4A6X
#
_entry.id   4A6X
#
_cell.length_a   40.320
_cell.length_b   87.350
_cell.length_c   61.880
_cell.angle_alpha   90.00
_cell.angle_beta   91.23
_cell.angle_gamma   90.00
#
_symmetry.space_group_name_H-M   'P 1 21 1'
#
loop_
_entity.id
_entity.type
_entity.pdbx_description
1 polymer 'DNA REPAIR AND RECOMBINATION PROTEIN RADA'
2 non-polymer 'MAGNESIUM ION'
3 non-polymer "ADENOSINE-5'-TRIPHOSPHATE"
4 water water
#
_entity_poly.entity_id   1
_entity_poly.type   'polypeptide(L)'
_entity_poly.pdbx_seq_one_letter_code
;MATIGRISTGSKSLDKLLGGGIETQAITEVFGEFGSGKTQLAHTLAVMVQLPPEEGGLNGSVIWIDTENTFRPERIREIA
QNRGLDPDEVLKHIYVARAFNSNHQMLLVQQAEDKIKELLNTDRPVKLLIVDSLTSHFRSEYIGRGALAERQQKLAKHLA
DLHRLANLYDIAVFVTNQVQANGGHILAHSATLRVYLRKGKGGKRIARLIDAPHLPEGEAVFSITEKGIED
;
_entity_poly.pdbx_strand_id   A,B
#
# COMPACT_ATOMS: atom_id res chain seq x y z
N ALA A 2 39.20 1.95 7.00
CA ALA A 2 38.97 2.73 5.79
C ALA A 2 38.92 1.85 4.54
N THR A 3 39.66 0.73 4.53
CA THR A 3 39.55 -0.19 3.41
C THR A 3 38.14 -0.73 3.41
N ILE A 4 37.57 -0.96 2.23
CA ILE A 4 36.22 -1.51 2.22
C ILE A 4 36.22 -3.03 2.37
N GLY A 5 35.14 -3.54 2.95
CA GLY A 5 34.94 -4.96 3.07
C GLY A 5 33.89 -5.41 2.08
N ARG A 6 33.91 -6.69 1.73
N ARG A 6 33.90 -6.69 1.73
CA ARG A 6 32.95 -7.24 0.81
CA ARG A 6 32.95 -7.22 0.77
C ARG A 6 32.25 -8.45 1.42
C ARG A 6 32.27 -8.51 1.25
N ILE A 7 30.93 -8.49 1.27
CA ILE A 7 30.16 -9.62 1.76
C ILE A 7 29.63 -10.43 0.60
N SER A 8 30.03 -11.69 0.54
CA SER A 8 29.56 -12.56 -0.54
C SER A 8 28.06 -12.77 -0.44
N THR A 9 27.41 -12.85 -1.59
CA THR A 9 25.97 -13.07 -1.67
C THR A 9 25.61 -14.54 -1.59
N GLY A 10 26.61 -15.41 -1.77
CA GLY A 10 26.38 -16.85 -1.88
C GLY A 10 26.44 -17.32 -3.34
N SER A 11 26.18 -16.39 -4.25
CA SER A 11 26.26 -16.69 -5.67
C SER A 11 27.57 -16.17 -6.27
N LYS A 12 28.36 -17.08 -6.85
CA LYS A 12 29.59 -16.67 -7.52
C LYS A 12 29.29 -15.71 -8.66
N SER A 13 28.21 -15.99 -9.39
CA SER A 13 27.77 -15.16 -10.50
C SER A 13 27.46 -13.75 -10.01
N LEU A 14 26.62 -13.63 -9.00
CA LEU A 14 26.25 -12.31 -8.48
C LEU A 14 27.46 -11.62 -7.86
N ASP A 15 28.31 -12.40 -7.19
CA ASP A 15 29.50 -11.82 -6.56
C ASP A 15 30.38 -11.18 -7.62
N LYS A 16 30.53 -11.85 -8.77
CA LYS A 16 31.40 -11.32 -9.81
C LYS A 16 30.85 -9.99 -10.33
N LEU A 17 29.54 -9.95 -10.57
CA LEU A 17 28.87 -8.73 -11.01
C LEU A 17 29.14 -7.60 -10.03
N LEU A 18 29.19 -7.96 -8.75
CA LEU A 18 29.37 -7.00 -7.66
C LEU A 18 30.84 -6.72 -7.34
N GLY A 19 31.76 -7.36 -8.05
CA GLY A 19 33.18 -7.15 -7.78
C GLY A 19 33.65 -7.83 -6.48
N GLY A 20 32.92 -8.85 -6.07
CA GLY A 20 33.29 -9.63 -4.90
C GLY A 20 32.21 -9.80 -3.85
N GLY A 21 31.22 -8.92 -3.86
CA GLY A 21 30.14 -8.95 -2.89
C GLY A 21 29.67 -7.54 -2.64
N ILE A 22 28.69 -7.35 -1.77
CA ILE A 22 28.26 -6.00 -1.46
C ILE A 22 29.29 -5.33 -0.55
N GLU A 23 29.43 -4.02 -0.70
CA GLU A 23 30.52 -3.29 -0.05
C GLU A 23 30.11 -2.64 1.26
N THR A 24 31.02 -2.63 2.22
CA THR A 24 30.85 -1.75 3.37
C THR A 24 31.09 -0.32 2.88
N GLN A 25 30.69 0.65 3.69
CA GLN A 25 30.81 2.08 3.33
C GLN A 25 29.99 2.38 2.09
N ALA A 26 28.88 1.67 1.93
CA ALA A 26 28.05 1.81 0.74
C ALA A 26 26.64 1.35 1.05
N ILE A 27 25.68 1.98 0.36
CA ILE A 27 24.31 1.47 0.33
C ILE A 27 24.07 0.73 -0.98
N THR A 28 23.77 -0.58 -0.88
CA THR A 28 23.35 -1.32 -2.05
C THR A 28 21.84 -1.51 -2.06
N GLU A 29 21.19 -1.00 -3.12
CA GLU A 29 19.76 -1.16 -3.28
C GLU A 29 19.44 -2.26 -4.28
N VAL A 30 18.66 -3.25 -3.88
CA VAL A 30 18.10 -4.19 -4.85
C VAL A 30 16.65 -3.83 -5.10
N PHE A 31 16.28 -3.76 -6.36
CA PHE A 31 14.90 -3.42 -6.69
C PHE A 31 14.37 -4.35 -7.76
N GLY A 32 13.06 -4.62 -7.68
CA GLY A 32 12.44 -5.51 -8.64
C GLY A 32 11.03 -5.83 -8.23
N GLU A 33 10.33 -6.53 -9.09
CA GLU A 33 8.94 -6.87 -8.83
C GLU A 33 8.78 -7.84 -7.68
N PHE A 34 7.53 -8.05 -7.27
CA PHE A 34 7.27 -9.03 -6.24
C PHE A 34 7.82 -10.38 -6.67
N GLY A 35 8.39 -11.12 -5.71
CA GLY A 35 8.92 -12.43 -6.00
C GLY A 35 10.28 -12.50 -6.69
N SER A 36 10.93 -11.35 -6.87
CA SER A 36 12.21 -11.32 -7.57
C SER A 36 13.43 -11.72 -6.74
N GLY A 37 13.24 -11.96 -5.45
CA GLY A 37 14.29 -12.49 -4.59
C GLY A 37 14.98 -11.50 -3.65
N LYS A 38 14.40 -10.31 -3.50
CA LYS A 38 15.04 -9.28 -2.68
C LYS A 38 15.18 -9.72 -1.22
N THR A 39 14.11 -10.26 -0.67
CA THR A 39 14.09 -10.64 0.73
C THR A 39 14.90 -11.90 0.95
N GLN A 40 14.88 -12.80 -0.02
CA GLN A 40 15.68 -14.00 0.11
C GLN A 40 17.18 -13.66 0.05
N LEU A 41 17.55 -12.71 -0.80
CA LEU A 41 18.93 -12.21 -0.81
C LEU A 41 19.30 -11.61 0.54
N ALA A 42 18.38 -10.81 1.12
CA ALA A 42 18.61 -10.24 2.45
C ALA A 42 18.85 -11.33 3.51
N HIS A 43 17.99 -12.35 3.53
CA HIS A 43 18.18 -13.45 4.46
C HIS A 43 19.56 -14.10 4.25
N THR A 44 19.96 -14.29 3.00
CA THR A 44 21.24 -14.97 2.73
C THR A 44 22.43 -14.11 3.21
N LEU A 45 22.37 -12.81 2.93
N LEU A 45 22.37 -12.81 2.92
CA LEU A 45 23.45 -11.92 3.36
CA LEU A 45 23.43 -11.90 3.34
C LEU A 45 23.57 -11.89 4.87
C LEU A 45 23.56 -11.84 4.86
N ALA A 46 22.43 -12.03 5.55
CA ALA A 46 22.42 -11.97 7.00
C ALA A 46 23.15 -13.16 7.62
N VAL A 47 23.29 -14.25 6.85
CA VAL A 47 24.09 -15.40 7.24
C VAL A 47 25.52 -15.22 6.74
N MET A 48 25.67 -14.92 5.45
CA MET A 48 27.01 -14.81 4.85
C MET A 48 27.95 -13.85 5.59
N VAL A 49 27.41 -12.74 6.10
CA VAL A 49 28.28 -11.76 6.73
C VAL A 49 28.92 -12.33 8.00
N GLN A 50 28.31 -13.38 8.54
CA GLN A 50 28.79 -13.95 9.81
C GLN A 50 29.97 -14.90 9.62
N LEU A 51 30.21 -15.29 8.37
CA LEU A 51 31.35 -16.14 8.01
C LEU A 51 32.65 -15.35 8.18
N PRO A 52 33.76 -16.06 8.36
CA PRO A 52 35.06 -15.36 8.36
C PRO A 52 35.38 -14.86 6.94
N PRO A 53 36.39 -13.99 6.80
CA PRO A 53 36.67 -13.37 5.49
C PRO A 53 37.09 -14.36 4.39
N GLU A 54 37.82 -15.41 4.73
CA GLU A 54 38.23 -16.36 3.70
C GLU A 54 37.04 -17.21 3.21
N GLU A 55 35.90 -17.01 3.85
CA GLU A 55 34.67 -17.64 3.37
C GLU A 55 33.68 -16.58 2.85
N GLY A 56 34.11 -15.34 2.80
CA GLY A 56 33.31 -14.31 2.15
C GLY A 56 32.52 -13.43 3.10
N GLY A 57 32.76 -13.59 4.40
CA GLY A 57 32.05 -12.80 5.39
C GLY A 57 32.93 -11.79 6.07
N LEU A 58 32.42 -11.20 7.14
CA LEU A 58 33.18 -10.18 7.86
C LEU A 58 33.11 -10.44 9.37
N ASN A 59 32.83 -11.68 9.76
CA ASN A 59 32.71 -12.02 11.17
C ASN A 59 31.77 -11.05 11.84
N GLY A 60 30.68 -10.73 11.17
CA GLY A 60 29.88 -9.61 11.63
C GLY A 60 28.49 -9.91 12.12
N SER A 61 27.96 -8.96 12.88
CA SER A 61 26.57 -8.99 13.31
C SER A 61 25.71 -8.22 12.31
N VAL A 62 24.41 -8.29 12.53
CA VAL A 62 23.44 -7.76 11.59
C VAL A 62 22.36 -6.96 12.31
N ILE A 63 22.02 -5.81 11.76
CA ILE A 63 20.83 -5.10 12.18
C ILE A 63 19.87 -5.16 11.01
N TRP A 64 18.62 -5.53 11.29
CA TRP A 64 17.60 -5.71 10.26
C TRP A 64 16.38 -4.91 10.64
N ILE A 65 15.99 -3.97 9.78
CA ILE A 65 14.76 -3.20 9.96
C ILE A 65 13.73 -3.76 8.99
N ASP A 66 12.69 -4.41 9.54
CA ASP A 66 11.71 -5.15 8.74
C ASP A 66 10.41 -4.34 8.70
N THR A 67 9.91 -4.06 7.50
CA THR A 67 8.73 -3.20 7.40
C THR A 67 7.42 -3.92 7.03
N GLU A 68 7.53 -5.18 6.65
N GLU A 68 7.52 -5.17 6.60
CA GLU A 68 6.41 -5.94 6.10
CA GLU A 68 6.34 -5.90 6.15
C GLU A 68 6.29 -7.31 6.80
C GLU A 68 6.32 -7.33 6.70
N ASN A 69 7.03 -7.49 7.88
N ASN A 69 6.98 -7.53 7.82
CA ASN A 69 7.05 -8.74 8.63
CA ASN A 69 6.91 -8.78 8.56
C ASN A 69 7.30 -9.95 7.74
C ASN A 69 7.32 -10.00 7.76
N THR A 70 8.32 -9.86 6.89
CA THR A 70 8.71 -10.98 6.04
C THR A 70 10.01 -11.65 6.49
N PHE A 71 10.59 -11.15 7.59
CA PHE A 71 11.74 -11.82 8.19
C PHE A 71 11.31 -13.18 8.71
N ARG A 72 12.10 -14.19 8.40
CA ARG A 72 11.77 -15.56 8.82
C ARG A 72 12.93 -16.23 9.54
N PRO A 73 12.84 -16.31 10.87
CA PRO A 73 13.98 -16.89 11.58
C PRO A 73 14.31 -18.33 11.16
N GLU A 74 13.31 -19.14 10.78
CA GLU A 74 13.60 -20.51 10.37
C GLU A 74 14.35 -20.56 9.04
N ARG A 75 14.14 -19.57 8.18
CA ARG A 75 14.87 -19.52 6.93
C ARG A 75 16.35 -19.19 7.20
N ILE A 76 16.59 -18.28 8.15
CA ILE A 76 17.94 -18.00 8.61
C ILE A 76 18.58 -19.30 9.12
N ARG A 77 17.84 -20.03 9.95
CA ARG A 77 18.41 -21.25 10.54
C ARG A 77 18.76 -22.27 9.45
N GLU A 78 17.88 -22.41 8.47
CA GLU A 78 18.10 -23.36 7.37
C GLU A 78 19.33 -22.98 6.55
N ILE A 79 19.41 -21.73 6.14
CA ILE A 79 20.55 -21.25 5.38
C ILE A 79 21.85 -21.46 6.16
N ALA A 80 21.84 -21.10 7.44
CA ALA A 80 22.99 -21.31 8.30
C ALA A 80 23.39 -22.79 8.38
N GLN A 81 22.42 -23.65 8.66
CA GLN A 81 22.68 -25.09 8.81
C GLN A 81 23.30 -25.65 7.54
N ASN A 82 22.76 -25.25 6.40
CA ASN A 82 23.18 -25.85 5.14
C ASN A 82 24.50 -25.27 4.65
N ARG A 83 25.00 -24.25 5.35
CA ARG A 83 26.32 -23.71 5.06
C ARG A 83 27.32 -24.04 6.15
N GLY A 84 26.92 -24.93 7.06
CA GLY A 84 27.83 -25.46 8.06
C GLY A 84 27.91 -24.66 9.34
N LEU A 85 26.97 -23.74 9.51
CA LEU A 85 26.98 -22.86 10.69
C LEU A 85 25.90 -23.29 11.67
N ASP A 86 26.07 -22.91 12.94
CA ASP A 86 25.06 -23.23 13.94
C ASP A 86 23.88 -22.29 13.77
N PRO A 87 22.69 -22.85 13.58
CA PRO A 87 21.49 -22.06 13.27
C PRO A 87 21.17 -21.06 14.37
N ASP A 88 21.29 -21.47 15.62
CA ASP A 88 20.89 -20.60 16.71
C ASP A 88 21.92 -19.50 17.01
N GLU A 89 23.20 -19.80 16.85
CA GLU A 89 24.24 -18.76 17.03
C GLU A 89 24.08 -17.70 15.96
N VAL A 90 23.90 -18.14 14.72
CA VAL A 90 23.66 -17.20 13.63
C VAL A 90 22.47 -16.29 13.95
N LEU A 91 21.36 -16.85 14.38
CA LEU A 91 20.21 -16.02 14.75
C LEU A 91 20.52 -15.02 15.86
N LYS A 92 21.33 -15.44 16.83
CA LYS A 92 21.70 -14.60 17.97
C LYS A 92 22.34 -13.28 17.54
N HIS A 93 22.93 -13.26 16.36
CA HIS A 93 23.69 -12.09 15.91
C HIS A 93 22.95 -11.25 14.89
N ILE A 94 21.65 -11.54 14.72
CA ILE A 94 20.79 -10.71 13.89
C ILE A 94 19.79 -10.00 14.79
N TYR A 95 19.86 -8.68 14.82
CA TYR A 95 18.99 -7.87 15.66
C TYR A 95 17.88 -7.28 14.81
N VAL A 96 16.69 -7.87 14.91
CA VAL A 96 15.55 -7.50 14.07
C VAL A 96 14.63 -6.54 14.80
N ALA A 97 14.24 -5.46 14.12
CA ALA A 97 13.26 -4.50 14.63
C ALA A 97 12.21 -4.29 13.57
N ARG A 98 10.94 -4.40 13.97
CA ARG A 98 9.84 -4.13 13.06
C ARG A 98 9.50 -2.65 13.07
N ALA A 99 9.48 -2.05 11.89
CA ALA A 99 9.13 -0.65 11.75
C ALA A 99 7.64 -0.56 11.53
N PHE A 100 6.97 0.22 12.38
CA PHE A 100 5.51 0.29 12.42
C PHE A 100 5.00 1.25 11.34
N ASN A 101 5.81 2.26 11.04
CA ASN A 101 5.52 3.25 10.02
C ASN A 101 6.82 3.93 9.61
N SER A 102 6.77 4.86 8.66
CA SER A 102 8.00 5.48 8.18
C SER A 102 8.75 6.34 9.20
N ASN A 103 8.02 6.96 10.12
CA ASN A 103 8.65 7.78 11.14
C ASN A 103 9.38 6.92 12.16
N HIS A 104 8.77 5.79 12.48
CA HIS A 104 9.37 4.82 13.39
C HIS A 104 10.58 4.20 12.70
N GLN A 105 10.46 3.93 11.40
CA GLN A 105 11.57 3.43 10.60
C GLN A 105 12.77 4.36 10.70
N MET A 106 12.51 5.67 10.68
CA MET A 106 13.59 6.63 10.76
C MET A 106 14.22 6.65 12.16
N LEU A 107 13.42 6.54 13.20
CA LEU A 107 13.94 6.48 14.56
C LEU A 107 14.78 5.22 14.74
N LEU A 108 14.33 4.11 14.17
CA LEU A 108 15.08 2.85 14.28
C LEU A 108 16.51 2.97 13.75
N VAL A 109 16.73 3.79 12.74
CA VAL A 109 18.08 3.98 12.23
C VAL A 109 18.94 4.66 13.27
N GLN A 110 18.34 5.54 14.05
CA GLN A 110 19.07 6.20 15.13
C GLN A 110 19.39 5.24 16.27
N GLN A 111 18.45 4.35 16.59
CA GLN A 111 18.71 3.32 17.58
C GLN A 111 19.76 2.33 17.09
N ALA A 112 19.77 2.08 15.79
CA ALA A 112 20.78 1.16 15.25
C ALA A 112 22.18 1.65 15.61
N GLU A 113 22.38 2.96 15.65
CA GLU A 113 23.70 3.50 15.96
C GLU A 113 24.14 3.10 17.37
N ASP A 114 23.19 3.04 18.30
CA ASP A 114 23.49 2.63 19.67
C ASP A 114 23.97 1.17 19.72
N LYS A 115 23.29 0.31 19.00
CA LYS A 115 23.69 -1.11 18.94
C LYS A 115 25.04 -1.27 18.24
N ILE A 116 25.25 -0.49 17.18
CA ILE A 116 26.52 -0.47 16.46
C ILE A 116 27.66 -0.09 17.41
N LYS A 117 27.45 0.96 18.19
CA LYS A 117 28.44 1.33 19.19
C LYS A 117 28.65 0.23 20.22
N GLU A 118 27.57 -0.44 20.62
CA GLU A 118 27.68 -1.44 21.68
C GLU A 118 28.56 -2.60 21.23
N LEU A 119 28.48 -2.95 19.96
CA LEU A 119 29.18 -4.13 19.46
C LEU A 119 30.49 -3.76 18.81
N LEU A 120 30.77 -2.47 18.73
CA LEU A 120 31.94 -2.02 18.04
C LEU A 120 33.14 -2.55 18.82
N ASN A 121 34.23 -2.83 18.11
CA ASN A 121 35.44 -3.25 18.79
C ASN A 121 35.22 -4.54 19.61
N THR A 122 34.06 -5.18 19.42
CA THR A 122 33.74 -6.50 19.94
C THR A 122 34.19 -7.50 18.87
N ASP A 123 34.06 -8.81 19.12
CA ASP A 123 34.54 -9.79 18.14
C ASP A 123 33.57 -9.97 16.96
N ARG A 124 32.36 -9.43 17.10
CA ARG A 124 31.35 -9.50 16.05
C ARG A 124 30.62 -8.16 15.91
N PRO A 125 31.36 -7.14 15.47
CA PRO A 125 30.79 -5.81 15.24
C PRO A 125 29.72 -5.90 14.19
N VAL A 126 28.78 -4.96 14.20
CA VAL A 126 27.78 -4.90 13.14
C VAL A 126 28.49 -4.63 11.82
N LYS A 127 28.25 -5.49 10.84
CA LYS A 127 28.82 -5.27 9.52
C LYS A 127 27.78 -5.18 8.42
N LEU A 128 26.53 -5.41 8.76
CA LEU A 128 25.45 -5.38 7.78
C LEU A 128 24.21 -4.81 8.40
N LEU A 129 23.61 -3.85 7.69
CA LEU A 129 22.35 -3.25 8.11
C LEU A 129 21.40 -3.37 6.96
N ILE A 130 20.31 -4.12 7.19
CA ILE A 130 19.30 -4.36 6.16
C ILE A 130 18.08 -3.49 6.44
N VAL A 131 17.50 -2.88 5.39
CA VAL A 131 16.15 -2.30 5.50
C VAL A 131 15.29 -2.95 4.43
N ASP A 132 14.33 -3.76 4.85
CA ASP A 132 13.45 -4.47 3.94
C ASP A 132 12.04 -4.26 4.46
N SER A 133 11.24 -3.37 3.87
CA SER A 133 11.50 -2.63 2.62
C SER A 133 11.84 -1.17 2.90
N LEU A 134 12.79 -0.61 2.15
CA LEU A 134 13.15 0.78 2.34
C LEU A 134 11.96 1.71 2.09
N THR A 135 11.09 1.32 1.16
CA THR A 135 10.14 2.26 0.59
C THR A 135 8.66 2.01 0.89
N SER A 136 8.34 0.82 1.39
CA SER A 136 6.93 0.43 1.50
C SER A 136 6.10 1.39 2.35
N HIS A 137 6.62 1.81 3.49
CA HIS A 137 5.88 2.74 4.33
C HIS A 137 5.80 4.11 3.69
N PHE A 138 6.86 4.51 3.00
CA PHE A 138 6.88 5.83 2.38
C PHE A 138 5.83 5.89 1.30
N ARG A 139 5.68 4.78 0.58
CA ARG A 139 4.74 4.69 -0.53
C ARG A 139 3.29 4.79 -0.05
N SER A 140 3.00 4.20 1.10
CA SER A 140 1.62 4.20 1.61
C SER A 140 1.28 5.53 2.31
N GLU A 141 2.26 6.15 2.95
CA GLU A 141 2.02 7.35 3.75
C GLU A 141 2.09 8.66 2.98
N TYR A 142 2.97 8.74 2.00
CA TYR A 142 3.13 9.98 1.24
C TYR A 142 2.57 9.79 -0.15
N ILE A 143 1.34 10.27 -0.33
CA ILE A 143 0.60 9.96 -1.53
C ILE A 143 -0.34 11.10 -1.87
N GLY A 144 -0.44 11.43 -3.15
CA GLY A 144 -1.32 12.50 -3.61
C GLY A 144 -0.56 13.75 -3.98
N ARG A 145 -1.30 14.79 -4.35
CA ARG A 145 -0.70 16.03 -4.82
C ARG A 145 0.34 16.60 -3.85
N GLY A 146 1.56 16.83 -4.36
CA GLY A 146 2.63 17.37 -3.53
C GLY A 146 3.46 16.31 -2.83
N ALA A 147 2.99 15.07 -2.84
CA ALA A 147 3.67 14.00 -2.12
C ALA A 147 5.02 13.65 -2.71
N LEU A 148 5.18 13.90 -4.02
CA LEU A 148 6.40 13.46 -4.67
C LEU A 148 7.59 14.16 -4.03
N ALA A 149 7.53 15.49 -3.93
CA ALA A 149 8.62 16.25 -3.34
C ALA A 149 8.83 15.89 -1.87
N GLU A 150 7.74 15.82 -1.12
CA GLU A 150 7.78 15.54 0.31
C GLU A 150 8.35 14.16 0.60
N ARG A 151 7.87 13.16 -0.15
CA ARG A 151 8.36 11.80 0.01
C ARG A 151 9.84 11.67 -0.34
N GLN A 152 10.22 12.26 -1.48
CA GLN A 152 11.62 12.22 -1.90
C GLN A 152 12.55 12.90 -0.91
N GLN A 153 12.06 13.95 -0.25
CA GLN A 153 12.84 14.66 0.75
C GLN A 153 13.04 13.82 2.03
N LYS A 154 11.98 13.16 2.47
N LYS A 154 11.97 13.16 2.46
CA LYS A 154 12.06 12.32 3.65
CA LYS A 154 12.05 12.32 3.65
C LYS A 154 12.96 11.13 3.39
C LYS A 154 12.97 11.13 3.38
N LEU A 155 12.81 10.53 2.20
CA LEU A 155 13.64 9.39 1.83
C LEU A 155 15.11 9.79 1.75
N ALA A 156 15.38 10.97 1.21
CA ALA A 156 16.75 11.45 1.10
C ALA A 156 17.39 11.61 2.49
N LYS A 157 16.63 12.17 3.44
N LYS A 157 16.62 12.15 3.43
CA LYS A 157 17.14 12.29 4.80
CA LYS A 157 17.07 12.30 4.80
C LYS A 157 17.41 10.91 5.40
C LYS A 157 17.37 10.93 5.42
N HIS A 158 16.47 9.98 5.22
CA HIS A 158 16.63 8.62 5.70
C HIS A 158 17.89 7.99 5.10
N LEU A 159 18.07 8.14 3.79
CA LEU A 159 19.23 7.55 3.13
C LEU A 159 20.53 8.24 3.57
N ALA A 160 20.46 9.54 3.85
CA ALA A 160 21.63 10.23 4.40
C ALA A 160 22.02 9.63 5.75
N ASP A 161 21.04 9.36 6.60
CA ASP A 161 21.30 8.72 7.89
C ASP A 161 21.98 7.39 7.69
N LEU A 162 21.47 6.63 6.73
CA LEU A 162 22.02 5.31 6.45
C LEU A 162 23.44 5.40 5.92
N HIS A 163 23.69 6.34 5.01
CA HIS A 163 25.02 6.55 4.44
C HIS A 163 26.01 6.87 5.54
N ARG A 164 25.59 7.70 6.47
CA ARG A 164 26.47 8.08 7.57
C ARG A 164 26.89 6.86 8.38
N LEU A 165 25.94 5.98 8.68
CA LEU A 165 26.27 4.78 9.43
C LEU A 165 27.23 3.90 8.63
N ALA A 166 26.96 3.73 7.34
CA ALA A 166 27.82 2.88 6.52
C ALA A 166 29.26 3.38 6.53
N ASN A 167 29.42 4.70 6.37
CA ASN A 167 30.74 5.31 6.26
C ASN A 167 31.44 5.47 7.59
N LEU A 168 30.68 5.84 8.62
CA LEU A 168 31.25 6.10 9.94
C LEU A 168 31.76 4.82 10.59
N TYR A 169 30.99 3.74 10.47
CA TYR A 169 31.27 2.50 11.16
C TYR A 169 31.70 1.34 10.25
N ASP A 170 31.90 1.63 8.97
CA ASP A 170 32.40 0.62 8.03
C ASP A 170 31.47 -0.57 7.97
N ILE A 171 30.23 -0.27 7.61
CA ILE A 171 29.13 -1.22 7.51
C ILE A 171 28.59 -1.28 6.09
N ALA A 172 28.14 -2.45 5.66
CA ALA A 172 27.42 -2.55 4.40
C ALA A 172 25.94 -2.35 4.66
N VAL A 173 25.33 -1.37 3.97
CA VAL A 173 23.89 -1.19 4.07
C VAL A 173 23.22 -1.80 2.85
N PHE A 174 22.19 -2.60 3.09
CA PHE A 174 21.48 -3.32 2.04
C PHE A 174 19.99 -3.01 2.17
N VAL A 175 19.43 -2.36 1.14
CA VAL A 175 18.03 -1.94 1.17
C VAL A 175 17.27 -2.51 -0.01
N THR A 176 15.98 -2.77 0.18
CA THR A 176 15.13 -3.31 -0.89
C THR A 176 14.03 -2.33 -1.31
N ASN A 177 13.57 -2.45 -2.56
CA ASN A 177 12.58 -1.54 -3.11
C ASN A 177 11.76 -2.29 -4.16
N GLN A 178 10.45 -2.34 -3.99
CA GLN A 178 9.58 -3.08 -4.91
C GLN A 178 9.18 -2.19 -6.07
N VAL A 179 9.39 -2.66 -7.30
CA VAL A 179 8.93 -1.90 -8.46
C VAL A 179 7.74 -2.56 -9.14
N GLN A 180 7.23 -1.92 -10.18
CA GLN A 180 6.10 -2.43 -10.94
C GLN A 180 6.47 -2.55 -12.41
N HIS A 189 17.21 8.64 -7.04
CA HIS A 189 17.73 7.68 -6.07
C HIS A 189 19.10 8.12 -5.56
N SER A 190 19.47 7.66 -4.38
CA SER A 190 20.75 8.08 -3.81
C SER A 190 21.53 6.92 -3.20
N ALA A 191 21.08 5.70 -3.50
CA ALA A 191 21.85 4.52 -3.14
C ALA A 191 23.23 4.61 -3.80
N THR A 192 24.21 3.89 -3.25
CA THR A 192 25.54 3.87 -3.87
C THR A 192 25.49 3.04 -5.16
N LEU A 193 24.80 1.90 -5.07
CA LEU A 193 24.73 0.97 -6.18
C LEU A 193 23.33 0.40 -6.28
N ARG A 194 22.76 0.43 -7.47
CA ARG A 194 21.43 -0.14 -7.65
C ARG A 194 21.50 -1.39 -8.52
N VAL A 195 20.91 -2.47 -8.01
CA VAL A 195 20.91 -3.76 -8.67
C VAL A 195 19.46 -4.13 -8.97
N TYR A 196 19.16 -4.32 -10.25
CA TYR A 196 17.81 -4.70 -10.67
C TYR A 196 17.70 -6.22 -10.74
N LEU A 197 16.72 -6.76 -10.02
CA LEU A 197 16.50 -8.23 -9.96
C LEU A 197 15.19 -8.58 -10.66
N ARG A 198 15.18 -9.70 -11.38
N ARG A 198 15.18 -9.69 -11.38
CA ARG A 198 13.97 -10.15 -12.07
CA ARG A 198 13.96 -10.16 -12.03
C ARG A 198 13.96 -11.67 -12.16
C ARG A 198 13.95 -11.68 -12.10
N LYS A 199 12.77 -12.25 -12.26
CA LYS A 199 12.63 -13.70 -12.36
C LYS A 199 12.78 -14.10 -13.81
N GLY A 200 13.54 -15.16 -14.05
CA GLY A 200 13.71 -15.67 -15.41
C GLY A 200 13.06 -17.03 -15.53
N LYS A 201 13.45 -17.76 -16.58
CA LYS A 201 12.97 -19.12 -16.79
C LYS A 201 13.68 -20.16 -15.91
N GLY A 202 13.01 -21.28 -15.67
CA GLY A 202 13.62 -22.36 -14.93
C GLY A 202 13.94 -22.03 -13.48
N GLY A 203 13.20 -21.10 -12.90
CA GLY A 203 13.41 -20.74 -11.51
C GLY A 203 14.61 -19.82 -11.28
N LYS A 204 15.29 -19.45 -12.36
CA LYS A 204 16.45 -18.58 -12.26
C LYS A 204 16.05 -17.15 -11.93
N ARG A 205 16.94 -16.42 -11.27
CA ARG A 205 16.79 -14.98 -11.09
C ARG A 205 17.96 -14.33 -11.81
N ILE A 206 17.71 -13.15 -12.35
N ILE A 206 17.72 -13.15 -12.37
CA ILE A 206 18.72 -12.40 -13.11
CA ILE A 206 18.75 -12.42 -13.09
C ILE A 206 18.97 -11.04 -12.45
C ILE A 206 18.98 -11.05 -12.47
N ALA A 207 20.26 -10.69 -12.32
CA ALA A 207 20.63 -9.38 -11.76
C ALA A 207 21.41 -8.53 -12.77
N ARG A 208 21.12 -7.24 -12.77
CA ARG A 208 21.81 -6.28 -13.63
C ARG A 208 22.11 -5.02 -12.85
N LEU A 209 23.32 -4.47 -13.03
CA LEU A 209 23.64 -3.20 -12.39
C LEU A 209 23.06 -2.06 -13.21
N ILE A 210 22.51 -1.06 -12.51
CA ILE A 210 21.81 0.02 -13.19
C ILE A 210 22.55 1.34 -13.05
N ASP A 211 22.71 2.04 -14.17
N ASP A 211 22.66 2.06 -14.15
CA ASP A 211 23.30 3.37 -14.20
CA ASP A 211 23.31 3.37 -14.20
C ASP A 211 24.69 3.39 -13.58
C ASP A 211 24.67 3.34 -13.51
N ALA A 212 25.48 2.35 -13.87
CA ALA A 212 26.83 2.22 -13.35
C ALA A 212 27.73 1.87 -14.52
N PRO A 213 27.97 2.85 -15.40
CA PRO A 213 28.69 2.60 -16.66
C PRO A 213 30.15 2.19 -16.44
N HIS A 214 30.69 2.43 -15.24
CA HIS A 214 32.09 2.10 -15.00
C HIS A 214 32.28 0.72 -14.39
N LEU A 215 31.18 0.02 -14.17
CA LEU A 215 31.18 -1.31 -13.59
C LEU A 215 30.67 -2.33 -14.60
N PRO A 216 30.84 -3.63 -14.33
CA PRO A 216 30.47 -4.71 -15.26
C PRO A 216 29.07 -4.53 -15.84
N GLU A 217 28.93 -4.74 -17.15
CA GLU A 217 27.66 -4.48 -17.80
C GLU A 217 26.88 -5.75 -18.17
N GLY A 218 27.40 -6.90 -17.78
CA GLY A 218 26.71 -8.15 -18.01
C GLY A 218 25.57 -8.38 -17.03
N GLU A 219 25.08 -9.61 -16.99
CA GLU A 219 24.05 -9.99 -16.01
C GLU A 219 24.49 -11.23 -15.25
N ALA A 220 24.16 -11.27 -13.97
CA ALA A 220 24.40 -12.45 -13.15
C ALA A 220 23.13 -13.29 -13.10
N VAL A 221 23.29 -14.60 -12.92
CA VAL A 221 22.16 -15.49 -12.87
C VAL A 221 22.32 -16.39 -11.66
N PHE A 222 21.26 -16.53 -10.88
CA PHE A 222 21.36 -17.34 -9.68
C PHE A 222 20.07 -18.07 -9.33
N SER A 223 20.15 -18.96 -8.36
CA SER A 223 19.00 -19.71 -7.91
C SER A 223 18.75 -19.45 -6.44
N ILE A 224 17.58 -19.81 -5.98
CA ILE A 224 17.26 -19.73 -4.56
C ILE A 224 17.04 -21.16 -4.06
N THR A 225 17.84 -21.57 -3.09
CA THR A 225 17.86 -22.97 -2.65
C THR A 225 17.84 -23.09 -1.14
N GLU A 226 18.15 -24.29 -0.65
CA GLU A 226 18.20 -24.50 0.78
C GLU A 226 19.40 -23.78 1.40
N LYS A 227 20.30 -23.27 0.54
CA LYS A 227 21.47 -22.50 1.00
C LYS A 227 21.22 -21.00 0.86
N GLY A 228 20.00 -20.64 0.49
CA GLY A 228 19.68 -19.25 0.27
C GLY A 228 19.91 -18.99 -1.20
N ILE A 229 20.70 -17.98 -1.53
CA ILE A 229 21.03 -17.81 -2.93
C ILE A 229 22.38 -18.46 -3.26
N GLU A 230 22.45 -19.04 -4.45
CA GLU A 230 23.67 -19.61 -4.97
C GLU A 230 23.49 -19.76 -6.47
N ASP A 231 24.57 -20.03 -7.19
CA ASP A 231 24.45 -20.15 -8.65
C ASP A 231 23.38 -21.19 -8.95
N ALA B 2 -2.56 16.88 1.14
CA ALA B 2 -3.69 17.60 0.56
C ALA B 2 -4.85 17.60 1.54
N THR B 3 -5.47 18.76 1.75
CA THR B 3 -6.58 18.83 2.68
C THR B 3 -7.69 17.92 2.18
N ILE B 4 -8.51 17.43 3.08
CA ILE B 4 -9.57 16.53 2.66
C ILE B 4 -10.82 17.34 2.33
N GLY B 5 -11.56 16.87 1.34
CA GLY B 5 -12.83 17.46 1.00
C GLY B 5 -13.96 16.72 1.68
N ARG B 6 -15.10 17.37 1.83
N ARG B 6 -15.09 17.38 1.83
CA ARG B 6 -16.27 16.72 2.42
CA ARG B 6 -16.28 16.77 2.38
C ARG B 6 -17.53 16.94 1.60
C ARG B 6 -17.42 16.91 1.38
N ILE B 7 -18.18 15.84 1.22
CA ILE B 7 -19.39 15.88 0.40
C ILE B 7 -20.62 15.75 1.29
N SER B 8 -21.48 16.76 1.30
CA SER B 8 -22.74 16.67 2.06
C SER B 8 -23.65 15.58 1.49
N THR B 9 -24.37 14.92 2.39
CA THR B 9 -25.26 13.82 2.03
C THR B 9 -26.65 14.31 1.67
N GLY B 10 -26.91 15.58 1.95
CA GLY B 10 -28.25 16.12 1.77
C GLY B 10 -29.05 16.17 3.06
N SER B 11 -28.61 15.40 4.06
CA SER B 11 -29.20 15.44 5.40
C SER B 11 -28.27 16.10 6.41
N LYS B 12 -28.75 17.15 7.07
CA LYS B 12 -27.97 17.80 8.13
C LYS B 12 -27.65 16.85 9.29
N SER B 13 -28.60 15.98 9.60
CA SER B 13 -28.43 15.03 10.68
C SER B 13 -27.28 14.10 10.36
N LEU B 14 -27.32 13.49 9.18
CA LEU B 14 -26.27 12.58 8.74
C LEU B 14 -24.94 13.30 8.59
N ASP B 15 -24.98 14.50 8.02
CA ASP B 15 -23.77 15.28 7.86
C ASP B 15 -23.07 15.49 9.21
N LYS B 16 -23.84 15.81 10.23
CA LYS B 16 -23.27 16.04 11.55
C LYS B 16 -22.59 14.78 12.05
N LEU B 17 -23.27 13.64 11.90
CA LEU B 17 -22.70 12.37 12.32
C LEU B 17 -21.36 12.15 11.65
N LEU B 18 -21.24 12.58 10.38
CA LEU B 18 -20.04 12.35 9.58
C LEU B 18 -19.04 13.51 9.66
N GLY B 19 -19.32 14.51 10.48
CA GLY B 19 -18.40 15.64 10.64
C GLY B 19 -18.43 16.62 9.47
N GLY B 20 -19.54 16.61 8.75
CA GLY B 20 -19.73 17.52 7.63
C GLY B 20 -20.07 16.83 6.32
N GLY B 21 -19.79 15.54 6.23
CA GLY B 21 -20.07 14.80 5.01
C GLY B 21 -19.06 13.70 4.81
N ILE B 22 -19.17 12.96 3.71
CA ILE B 22 -18.20 11.89 3.47
C ILE B 22 -16.89 12.50 2.98
N GLU B 23 -15.78 11.89 3.37
CA GLU B 23 -14.47 12.49 3.16
C GLU B 23 -13.78 11.99 1.90
N THR B 24 -13.03 12.89 1.25
CA THR B 24 -12.12 12.44 0.21
C THR B 24 -10.94 11.75 0.90
N GLN B 25 -10.15 11.01 0.12
CA GLN B 25 -8.99 10.29 0.65
C GLN B 25 -9.44 9.27 1.68
N ALA B 26 -10.59 8.67 1.42
CA ALA B 26 -11.20 7.79 2.39
C ALA B 26 -12.18 6.87 1.67
N ILE B 27 -12.39 5.68 2.24
CA ILE B 27 -13.45 4.79 1.78
C ILE B 27 -14.52 4.77 2.86
N THR B 28 -15.71 5.24 2.51
CA THR B 28 -16.84 5.16 3.43
C THR B 28 -17.72 4.00 3.01
N GLU B 29 -17.92 3.07 3.93
CA GLU B 29 -18.80 1.91 3.68
C GLU B 29 -20.12 2.12 4.36
N VAL B 30 -21.20 2.07 3.59
N VAL B 30 -21.20 2.00 3.59
CA VAL B 30 -22.51 1.98 4.18
CA VAL B 30 -22.54 2.00 4.17
C VAL B 30 -22.97 0.53 4.11
C VAL B 30 -23.13 0.59 4.09
N PHE B 31 -23.46 0.03 5.24
CA PHE B 31 -23.99 -1.33 5.26
C PHE B 31 -25.32 -1.42 5.98
N GLY B 32 -26.15 -2.34 5.52
CA GLY B 32 -27.50 -2.48 6.06
C GLY B 32 -28.30 -3.49 5.27
N GLU B 33 -29.47 -3.84 5.78
CA GLU B 33 -30.32 -4.82 5.11
C GLU B 33 -30.90 -4.30 3.80
N PHE B 34 -31.49 -5.19 3.01
CA PHE B 34 -32.20 -4.71 1.83
C PHE B 34 -33.20 -3.62 2.23
N GLY B 35 -33.29 -2.59 1.40
CA GLY B 35 -34.23 -1.51 1.61
C GLY B 35 -33.80 -0.45 2.60
N SER B 36 -32.60 -0.58 3.17
CA SER B 36 -32.17 0.36 4.20
C SER B 36 -31.78 1.73 3.66
N GLY B 37 -31.50 1.81 2.36
CA GLY B 37 -31.28 3.10 1.72
C GLY B 37 -29.88 3.34 1.16
N LYS B 38 -29.11 2.26 0.99
CA LYS B 38 -27.73 2.42 0.60
C LYS B 38 -27.62 3.00 -0.81
N THR B 39 -28.44 2.48 -1.70
CA THR B 39 -28.38 2.88 -3.09
C THR B 39 -28.96 4.28 -3.26
N GLN B 40 -29.97 4.59 -2.46
CA GLN B 40 -30.59 5.91 -2.52
C GLN B 40 -29.59 6.98 -2.03
N LEU B 41 -28.83 6.65 -0.99
CA LEU B 41 -27.76 7.53 -0.52
C LEU B 41 -26.71 7.71 -1.62
N ALA B 42 -26.36 6.61 -2.30
CA ALA B 42 -25.43 6.68 -3.42
C ALA B 42 -25.90 7.63 -4.52
N HIS B 43 -27.16 7.46 -4.95
CA HIS B 43 -27.75 8.39 -5.92
C HIS B 43 -27.67 9.83 -5.44
N THR B 44 -27.95 10.07 -4.16
CA THR B 44 -27.97 11.43 -3.64
C THR B 44 -26.57 12.04 -3.66
N LEU B 45 -25.58 11.26 -3.25
CA LEU B 45 -24.21 11.76 -3.19
C LEU B 45 -23.70 12.07 -4.60
N ALA B 46 -24.13 11.29 -5.58
CA ALA B 46 -23.71 11.51 -6.97
C ALA B 46 -24.18 12.85 -7.51
N VAL B 47 -25.21 13.42 -6.90
CA VAL B 47 -25.67 14.76 -7.25
C VAL B 47 -25.00 15.80 -6.36
N MET B 48 -25.03 15.57 -5.05
CA MET B 48 -24.46 16.53 -4.11
C MET B 48 -23.01 16.88 -4.44
N VAL B 49 -22.22 15.90 -4.88
CA VAL B 49 -20.79 16.18 -5.11
C VAL B 49 -20.60 17.20 -6.23
N GLN B 50 -21.63 17.38 -7.06
CA GLN B 50 -21.53 18.28 -8.20
C GLN B 50 -21.84 19.73 -7.84
N LEU B 51 -22.40 19.94 -6.64
CA LEU B 51 -22.64 21.29 -6.13
C LEU B 51 -21.30 21.97 -5.91
N PRO B 52 -21.28 23.31 -5.95
CA PRO B 52 -20.06 24.02 -5.55
C PRO B 52 -19.82 23.84 -4.05
N PRO B 53 -18.63 24.19 -3.57
CA PRO B 53 -18.24 23.92 -2.18
C PRO B 53 -19.13 24.62 -1.14
N GLU B 54 -19.60 25.83 -1.42
CA GLU B 54 -20.39 26.54 -0.43
C GLU B 54 -21.78 25.94 -0.29
N GLU B 55 -22.14 25.05 -1.21
CA GLU B 55 -23.41 24.32 -1.12
C GLU B 55 -23.20 22.84 -0.74
N GLY B 56 -21.97 22.49 -0.35
CA GLY B 56 -21.71 21.15 0.15
C GLY B 56 -21.12 20.15 -0.83
N GLY B 57 -20.79 20.61 -2.04
CA GLY B 57 -20.22 19.74 -3.05
C GLY B 57 -18.75 20.06 -3.28
N LEU B 58 -18.19 19.45 -4.32
CA LEU B 58 -16.80 19.63 -4.67
C LEU B 58 -16.63 19.89 -6.17
N ASN B 59 -17.69 20.39 -6.81
CA ASN B 59 -17.67 20.61 -8.25
C ASN B 59 -17.15 19.37 -8.97
N GLY B 60 -17.51 18.20 -8.47
CA GLY B 60 -16.86 17.01 -8.96
C GLY B 60 -17.59 16.17 -9.97
N SER B 61 -16.84 15.36 -10.70
CA SER B 61 -17.40 14.27 -11.50
C SER B 61 -17.49 12.98 -10.68
N VAL B 62 -18.23 12.01 -11.19
CA VAL B 62 -18.54 10.79 -10.45
C VAL B 62 -18.21 9.59 -11.32
N ILE B 63 -17.55 8.58 -10.74
CA ILE B 63 -17.45 7.29 -11.38
C ILE B 63 -18.28 6.31 -10.55
N TRP B 64 -19.09 5.50 -11.22
CA TRP B 64 -20.05 4.65 -10.55
C TRP B 64 -19.92 3.25 -11.10
N ILE B 65 -19.45 2.33 -10.27
CA ILE B 65 -19.38 0.91 -10.65
C ILE B 65 -20.61 0.22 -10.06
N ASP B 66 -21.50 -0.23 -10.94
CA ASP B 66 -22.80 -0.78 -10.52
C ASP B 66 -22.82 -2.27 -10.77
N THR B 67 -23.15 -3.06 -9.74
CA THR B 67 -23.05 -4.53 -9.86
C THR B 67 -24.38 -5.26 -9.99
N GLU B 68 -25.49 -4.58 -9.74
CA GLU B 68 -26.80 -5.23 -9.77
C GLU B 68 -27.83 -4.38 -10.53
N ASN B 69 -27.33 -3.49 -11.38
N ASN B 69 -27.33 -3.50 -11.40
CA ASN B 69 -28.18 -2.68 -12.25
CA ASN B 69 -28.20 -2.70 -12.25
C ASN B 69 -29.27 -1.94 -11.52
C ASN B 69 -29.29 -1.95 -11.50
N THR B 70 -28.91 -1.25 -10.44
CA THR B 70 -29.87 -0.44 -9.70
C THR B 70 -29.67 1.08 -9.86
N PHE B 71 -28.65 1.48 -10.61
CA PHE B 71 -28.51 2.88 -11.01
C PHE B 71 -29.72 3.30 -11.83
N ARG B 72 -30.31 4.44 -11.47
CA ARG B 72 -31.48 4.97 -12.16
C ARG B 72 -31.28 6.41 -12.62
N PRO B 73 -31.05 6.61 -13.93
CA PRO B 73 -30.78 7.95 -14.46
C PRO B 73 -31.88 8.95 -14.09
N GLU B 74 -33.14 8.52 -14.13
CA GLU B 74 -34.23 9.47 -13.82
C GLU B 74 -34.28 9.82 -12.35
N ARG B 75 -33.78 8.94 -11.48
CA ARG B 75 -33.67 9.27 -10.06
C ARG B 75 -32.62 10.35 -9.88
N ILE B 76 -31.49 10.22 -10.59
CA ILE B 76 -30.47 11.28 -10.58
C ILE B 76 -31.09 12.60 -11.06
N ARG B 77 -31.85 12.55 -12.15
CA ARG B 77 -32.45 13.75 -12.70
C ARG B 77 -33.41 14.40 -11.71
N GLU B 78 -34.20 13.58 -11.02
CA GLU B 78 -35.14 14.10 -10.04
C GLU B 78 -34.44 14.82 -8.90
N ILE B 79 -33.44 14.17 -8.33
CA ILE B 79 -32.69 14.77 -7.22
C ILE B 79 -32.03 16.08 -7.65
N ALA B 80 -31.40 16.07 -8.81
CA ALA B 80 -30.79 17.27 -9.35
C ALA B 80 -31.80 18.43 -9.53
N GLN B 81 -32.87 18.15 -10.25
CA GLN B 81 -33.93 19.14 -10.48
C GLN B 81 -34.34 19.76 -9.15
N ASN B 82 -34.56 18.90 -8.15
CA ASN B 82 -35.11 19.36 -6.89
C ASN B 82 -34.09 20.01 -5.98
N ARG B 83 -32.85 20.09 -6.44
CA ARG B 83 -31.82 20.73 -5.64
C ARG B 83 -31.21 21.94 -6.32
N GLY B 84 -31.79 22.34 -7.44
CA GLY B 84 -31.38 23.56 -8.13
C GLY B 84 -30.27 23.34 -9.13
N LEU B 85 -30.02 22.07 -9.46
CA LEU B 85 -29.01 21.77 -10.47
C LEU B 85 -29.66 21.43 -11.79
N ASP B 86 -28.90 21.48 -12.87
CA ASP B 86 -29.39 21.10 -14.19
C ASP B 86 -29.31 19.60 -14.33
N PRO B 87 -30.47 18.93 -14.45
CA PRO B 87 -30.47 17.46 -14.49
C PRO B 87 -29.62 16.86 -15.62
N ASP B 88 -29.65 17.49 -16.79
CA ASP B 88 -28.87 17.01 -17.92
C ASP B 88 -27.38 17.14 -17.68
N GLU B 89 -26.96 18.28 -17.14
CA GLU B 89 -25.54 18.47 -16.84
C GLU B 89 -25.09 17.46 -15.78
N VAL B 90 -25.94 17.25 -14.78
CA VAL B 90 -25.62 16.30 -13.72
C VAL B 90 -25.37 14.90 -14.26
N LEU B 91 -26.27 14.38 -15.09
CA LEU B 91 -26.09 13.03 -15.63
C LEU B 91 -24.83 12.91 -16.49
N LYS B 92 -24.48 13.96 -17.21
CA LYS B 92 -23.30 13.96 -18.09
C LYS B 92 -21.99 13.80 -17.32
N HIS B 93 -22.00 14.14 -16.03
CA HIS B 93 -20.78 14.07 -15.23
C HIS B 93 -20.71 12.84 -14.35
N ILE B 94 -21.63 11.91 -14.57
CA ILE B 94 -21.59 10.61 -13.91
C ILE B 94 -21.24 9.54 -14.95
N TYR B 95 -20.17 8.80 -14.70
CA TYR B 95 -19.70 7.77 -15.60
C TYR B 95 -20.00 6.41 -15.02
N VAL B 96 -21.07 5.79 -15.49
CA VAL B 96 -21.50 4.50 -14.95
C VAL B 96 -20.96 3.33 -15.77
N ALA B 97 -20.40 2.35 -15.06
CA ALA B 97 -19.97 1.09 -15.66
C ALA B 97 -20.65 -0.05 -14.94
N ARG B 98 -21.14 -1.03 -15.68
CA ARG B 98 -21.77 -2.21 -15.10
C ARG B 98 -20.74 -3.31 -14.93
N ALA B 99 -20.54 -3.74 -13.69
CA ALA B 99 -19.62 -4.84 -13.40
C ALA B 99 -20.31 -6.19 -13.63
N PHE B 100 -19.78 -6.98 -14.55
CA PHE B 100 -20.37 -8.27 -14.93
C PHE B 100 -20.16 -9.36 -13.86
N ASN B 101 -19.00 -9.31 -13.20
CA ASN B 101 -18.64 -10.23 -12.13
C ASN B 101 -17.53 -9.58 -11.30
N SER B 102 -17.04 -10.27 -10.27
CA SER B 102 -16.08 -9.62 -9.39
C SER B 102 -14.73 -9.33 -10.05
N ASN B 103 -14.34 -10.16 -11.01
CA ASN B 103 -13.08 -9.93 -11.72
C ASN B 103 -13.17 -8.72 -12.63
N HIS B 104 -14.31 -8.57 -13.26
CA HIS B 104 -14.55 -7.42 -14.11
C HIS B 104 -14.65 -6.18 -13.24
N GLN B 105 -15.23 -6.34 -12.06
CA GLN B 105 -15.39 -5.22 -11.12
C GLN B 105 -14.00 -4.71 -10.76
N MET B 106 -13.07 -5.64 -10.57
CA MET B 106 -11.71 -5.27 -10.18
C MET B 106 -10.97 -4.56 -11.32
N LEU B 107 -11.18 -5.03 -12.54
CA LEU B 107 -10.61 -4.37 -13.71
C LEU B 107 -11.17 -2.97 -13.89
N LEU B 108 -12.47 -2.80 -13.64
CA LEU B 108 -13.12 -1.50 -13.79
C LEU B 108 -12.50 -0.43 -12.89
N VAL B 109 -11.98 -0.83 -11.73
CA VAL B 109 -11.26 0.11 -10.87
C VAL B 109 -9.98 0.59 -11.55
N GLN B 110 -9.28 -0.33 -12.19
CA GLN B 110 -8.07 0.06 -12.93
C GLN B 110 -8.42 1.05 -14.04
N GLN B 111 -9.52 0.78 -14.75
CA GLN B 111 -9.96 1.66 -15.82
C GLN B 111 -10.39 3.02 -15.29
N ALA B 112 -10.95 3.02 -14.07
CA ALA B 112 -11.39 4.27 -13.47
C ALA B 112 -10.23 5.24 -13.39
N GLU B 113 -9.02 4.71 -13.19
CA GLU B 113 -7.86 5.58 -13.04
C GLU B 113 -7.61 6.38 -14.32
N ASP B 114 -7.90 5.81 -15.48
CA ASP B 114 -7.66 6.51 -16.73
C ASP B 114 -8.59 7.72 -16.80
N LYS B 115 -9.87 7.53 -16.48
CA LYS B 115 -10.83 8.62 -16.49
C LYS B 115 -10.47 9.69 -15.45
N ILE B 116 -10.03 9.24 -14.29
CA ILE B 116 -9.60 10.16 -13.24
C ILE B 116 -8.45 11.05 -13.68
N LYS B 117 -7.42 10.44 -14.28
N LYS B 117 -7.45 10.45 -14.32
CA LYS B 117 -6.29 11.21 -14.77
CA LYS B 117 -6.28 11.19 -14.76
C LYS B 117 -6.77 12.27 -15.75
C LYS B 117 -6.62 12.17 -15.88
N GLU B 118 -7.64 11.84 -16.66
CA GLU B 118 -8.09 12.69 -17.76
C GLU B 118 -8.69 13.98 -17.20
N LEU B 119 -9.49 13.83 -16.15
CA LEU B 119 -10.24 14.97 -15.61
C LEU B 119 -9.54 15.72 -14.47
N LEU B 120 -8.42 15.20 -13.99
CA LEU B 120 -7.80 15.67 -12.74
C LEU B 120 -7.59 17.17 -12.67
N ASN B 121 -7.09 17.73 -13.77
CA ASN B 121 -6.73 19.13 -13.77
C ASN B 121 -7.68 19.96 -14.61
N THR B 122 -8.88 19.44 -14.82
CA THR B 122 -9.98 20.22 -15.39
C THR B 122 -10.78 20.82 -14.24
N ASP B 123 -11.83 21.56 -14.56
CA ASP B 123 -12.64 22.13 -13.48
C ASP B 123 -13.73 21.19 -12.94
N ARG B 124 -13.82 19.97 -13.48
CA ARG B 124 -14.73 18.96 -12.94
C ARG B 124 -14.01 17.63 -12.71
N PRO B 125 -12.96 17.65 -11.87
CA PRO B 125 -12.24 16.41 -11.59
C PRO B 125 -13.15 15.39 -10.91
N VAL B 126 -12.81 14.10 -10.99
CA VAL B 126 -13.58 13.09 -10.29
C VAL B 126 -13.41 13.32 -8.80
N LYS B 127 -14.50 13.42 -8.06
CA LYS B 127 -14.41 13.60 -6.61
C LYS B 127 -15.14 12.52 -5.83
N LEU B 128 -15.87 11.66 -6.54
CA LEU B 128 -16.64 10.60 -5.90
C LEU B 128 -16.55 9.34 -6.74
N LEU B 129 -16.19 8.22 -6.10
CA LEU B 129 -16.19 6.93 -6.78
C LEU B 129 -17.07 5.99 -5.98
N ILE B 130 -18.19 5.59 -6.60
CA ILE B 130 -19.16 4.70 -5.96
C ILE B 130 -18.98 3.26 -6.44
N VAL B 131 -19.01 2.32 -5.49
CA VAL B 131 -19.16 0.92 -5.83
C VAL B 131 -20.40 0.38 -5.11
N ASP B 132 -21.43 0.04 -5.88
CA ASP B 132 -22.70 -0.45 -5.34
C ASP B 132 -23.06 -1.64 -6.22
N SER B 133 -22.86 -2.88 -5.74
CA SER B 133 -22.47 -3.26 -4.38
C SER B 133 -21.00 -3.67 -4.33
N LEU B 134 -20.29 -3.33 -3.26
CA LEU B 134 -18.89 -3.71 -3.13
C LEU B 134 -18.75 -5.23 -3.15
N THR B 135 -19.71 -5.91 -2.54
CA THR B 135 -19.54 -7.32 -2.19
C THR B 135 -20.49 -8.31 -2.86
N SER B 136 -21.53 -7.84 -3.56
CA SER B 136 -22.56 -8.75 -4.05
C SER B 136 -21.99 -9.85 -4.93
N HIS B 137 -21.11 -9.49 -5.87
CA HIS B 137 -20.45 -10.48 -6.70
C HIS B 137 -19.53 -11.43 -5.93
N PHE B 138 -18.82 -10.90 -4.94
CA PHE B 138 -17.91 -11.74 -4.16
C PHE B 138 -18.68 -12.76 -3.35
N ARG B 139 -19.86 -12.38 -2.87
CA ARG B 139 -20.69 -13.31 -2.11
C ARG B 139 -21.22 -14.44 -2.98
N SER B 140 -21.57 -14.15 -4.23
CA SER B 140 -22.16 -15.18 -5.07
C SER B 140 -21.12 -16.09 -5.72
N GLU B 141 -19.89 -15.60 -5.88
CA GLU B 141 -18.88 -16.35 -6.61
C GLU B 141 -18.00 -17.26 -5.74
N TYR B 142 -17.72 -16.82 -4.52
CA TYR B 142 -16.79 -17.52 -3.65
C TYR B 142 -17.56 -18.31 -2.61
N ILE B 143 -17.84 -19.55 -2.96
CA ILE B 143 -18.72 -20.37 -2.15
C ILE B 143 -18.14 -21.79 -2.09
N GLY B 144 -18.08 -22.36 -0.91
CA GLY B 144 -17.58 -23.71 -0.74
C GLY B 144 -16.25 -23.76 0.00
N ARG B 145 -15.82 -24.97 0.36
N ARG B 145 -15.82 -24.97 0.35
CA ARG B 145 -14.58 -25.13 1.10
CA ARG B 145 -14.59 -25.15 1.11
C ARG B 145 -13.45 -24.36 0.42
C ARG B 145 -13.40 -24.44 0.45
N GLY B 146 -12.71 -23.59 1.21
CA GLY B 146 -11.56 -22.85 0.70
C GLY B 146 -11.89 -21.47 0.16
N ALA B 147 -13.17 -21.20 -0.03
CA ALA B 147 -13.60 -19.93 -0.64
C ALA B 147 -13.39 -18.73 0.27
N LEU B 148 -13.54 -18.94 1.57
CA LEU B 148 -13.54 -17.84 2.51
C LEU B 148 -12.24 -17.06 2.45
N ALA B 149 -11.13 -17.77 2.45
CA ALA B 149 -9.82 -17.10 2.41
C ALA B 149 -9.56 -16.48 1.05
N GLU B 150 -10.01 -17.14 -0.01
CA GLU B 150 -9.78 -16.64 -1.36
C GLU B 150 -10.60 -15.39 -1.60
N ARG B 151 -11.83 -15.38 -1.09
N ARG B 151 -11.83 -15.38 -1.09
CA ARG B 151 -12.71 -14.23 -1.24
CA ARG B 151 -12.72 -14.24 -1.23
C ARG B 151 -12.15 -13.02 -0.51
C ARG B 151 -12.15 -13.03 -0.51
N GLN B 152 -11.66 -13.25 0.70
CA GLN B 152 -11.14 -12.16 1.53
C GLN B 152 -9.84 -11.61 0.97
N GLN B 153 -9.05 -12.47 0.34
CA GLN B 153 -7.82 -12.00 -0.30
C GLN B 153 -8.11 -11.11 -1.50
N LYS B 154 -9.03 -11.54 -2.36
CA LYS B 154 -9.37 -10.77 -3.55
C LYS B 154 -9.99 -9.44 -3.16
N LEU B 155 -10.86 -9.50 -2.16
CA LEU B 155 -11.55 -8.30 -1.70
C LEU B 155 -10.57 -7.30 -1.09
N ALA B 156 -9.58 -7.78 -0.34
CA ALA B 156 -8.58 -6.91 0.27
C ALA B 156 -7.78 -6.19 -0.82
N LYS B 157 -7.45 -6.91 -1.88
CA LYS B 157 -6.74 -6.34 -3.02
C LYS B 157 -7.57 -5.25 -3.70
N HIS B 158 -8.84 -5.54 -3.91
CA HIS B 158 -9.80 -4.57 -4.45
C HIS B 158 -9.88 -3.29 -3.61
N LEU B 159 -10.01 -3.46 -2.30
N LEU B 159 -10.02 -3.45 -2.30
CA LEU B 159 -10.07 -2.34 -1.38
CA LEU B 159 -10.07 -2.30 -1.40
C LEU B 159 -8.75 -1.55 -1.40
C LEU B 159 -8.76 -1.54 -1.38
N ALA B 160 -7.64 -2.25 -1.54
CA ALA B 160 -6.33 -1.58 -1.60
C ALA B 160 -6.28 -0.69 -2.83
N ASP B 161 -6.78 -1.20 -3.95
CA ASP B 161 -6.79 -0.44 -5.19
C ASP B 161 -7.66 0.81 -5.03
N LEU B 162 -8.77 0.65 -4.32
CA LEU B 162 -9.69 1.77 -4.09
C LEU B 162 -9.08 2.81 -3.17
N HIS B 163 -8.42 2.36 -2.09
CA HIS B 163 -7.72 3.28 -1.20
C HIS B 163 -6.67 4.11 -1.94
N ARG B 164 -5.95 3.47 -2.87
CA ARG B 164 -4.92 4.16 -3.61
C ARG B 164 -5.52 5.28 -4.47
N LEU B 165 -6.63 5.01 -5.15
CA LEU B 165 -7.29 6.03 -5.96
C LEU B 165 -7.79 7.17 -5.07
N ALA B 166 -8.41 6.82 -3.95
CA ALA B 166 -8.91 7.85 -3.03
C ALA B 166 -7.77 8.78 -2.59
N ASN B 167 -6.64 8.19 -2.22
CA ASN B 167 -5.53 8.93 -1.63
C ASN B 167 -4.69 9.65 -2.67
N LEU B 168 -4.45 8.99 -3.80
CA LEU B 168 -3.60 9.55 -4.84
C LEU B 168 -4.29 10.74 -5.54
N TYR B 169 -5.61 10.62 -5.73
CA TYR B 169 -6.35 11.59 -6.53
C TYR B 169 -7.35 12.43 -5.75
N ASP B 170 -7.33 12.31 -4.43
CA ASP B 170 -8.20 13.11 -3.56
C ASP B 170 -9.66 12.90 -3.91
N ILE B 171 -10.10 11.65 -3.82
CA ILE B 171 -11.47 11.25 -4.16
C ILE B 171 -12.14 10.63 -2.94
N ALA B 172 -13.44 10.85 -2.81
CA ALA B 172 -14.20 10.14 -1.80
C ALA B 172 -14.68 8.84 -2.41
N VAL B 173 -14.32 7.72 -1.79
CA VAL B 173 -14.83 6.45 -2.26
C VAL B 173 -15.99 6.05 -1.36
N PHE B 174 -17.11 5.69 -1.98
CA PHE B 174 -18.32 5.34 -1.22
C PHE B 174 -18.77 3.98 -1.69
N VAL B 175 -18.85 3.03 -0.76
CA VAL B 175 -19.14 1.65 -1.13
C VAL B 175 -20.30 1.09 -0.31
N THR B 176 -21.09 0.20 -0.92
CA THR B 176 -22.22 -0.38 -0.20
C THR B 176 -22.03 -1.86 0.08
N ASN B 177 -22.65 -2.35 1.16
CA ASN B 177 -22.48 -3.74 1.60
C ASN B 177 -23.78 -4.19 2.23
N GLN B 178 -24.37 -5.28 1.73
CA GLN B 178 -25.66 -5.75 2.26
C GLN B 178 -25.48 -6.73 3.40
N VAL B 179 -26.18 -6.48 4.51
CA VAL B 179 -26.14 -7.45 5.60
C VAL B 179 -27.39 -8.34 5.62
N GLN B 180 -27.30 -9.43 6.37
CA GLN B 180 -28.43 -10.35 6.56
C GLN B 180 -28.92 -10.34 8.01
N SER B 190 -11.29 -2.97 6.04
CA SER B 190 -10.29 -2.06 5.49
C SER B 190 -10.88 -0.66 5.30
N ALA B 191 -12.21 -0.58 5.27
CA ALA B 191 -12.91 0.69 5.11
C ALA B 191 -12.41 1.72 6.12
N THR B 192 -12.33 2.97 5.70
CA THR B 192 -11.94 4.06 6.60
C THR B 192 -13.03 4.30 7.65
N LEU B 193 -14.28 4.25 7.22
CA LEU B 193 -15.40 4.52 8.09
C LEU B 193 -16.57 3.63 7.72
N ARG B 194 -17.17 2.97 8.71
CA ARG B 194 -18.33 2.12 8.47
C ARG B 194 -19.59 2.75 9.08
N VAL B 195 -20.63 2.89 8.26
CA VAL B 195 -21.89 3.47 8.67
C VAL B 195 -22.99 2.40 8.55
N TYR B 196 -23.62 2.08 9.68
CA TYR B 196 -24.70 1.10 9.72
C TYR B 196 -26.01 1.83 9.45
N LEU B 197 -26.78 1.35 8.48
CA LEU B 197 -28.03 2.00 8.10
C LEU B 197 -29.18 1.05 8.34
N ARG B 198 -30.26 1.53 8.93
N ARG B 198 -30.26 1.53 8.93
CA ARG B 198 -31.43 0.68 9.11
CA ARG B 198 -31.44 0.68 9.08
C ARG B 198 -32.72 1.48 8.95
C ARG B 198 -32.72 1.49 8.90
N LYS B 199 -33.81 0.79 8.63
CA LYS B 199 -35.09 1.42 8.44
C LYS B 199 -35.78 1.51 9.80
N GLY B 200 -36.45 2.62 10.04
CA GLY B 200 -37.17 2.79 11.30
C GLY B 200 -38.62 3.11 11.04
N LYS B 201 -39.31 3.57 12.08
CA LYS B 201 -40.72 3.94 11.96
C LYS B 201 -40.90 5.17 11.08
N GLY B 202 -42.09 5.28 10.49
CA GLY B 202 -42.43 6.45 9.69
C GLY B 202 -41.56 6.63 8.45
N GLY B 203 -40.99 5.52 7.97
CA GLY B 203 -40.15 5.57 6.79
C GLY B 203 -38.82 6.25 7.07
N LYS B 204 -38.52 6.50 8.33
CA LYS B 204 -37.23 7.12 8.68
C LYS B 204 -36.12 6.11 8.46
N ARG B 205 -34.92 6.61 8.14
CA ARG B 205 -33.72 5.77 8.15
C ARG B 205 -32.85 6.29 9.28
N ILE B 206 -32.17 5.37 9.96
CA ILE B 206 -31.28 5.72 11.07
C ILE B 206 -29.88 5.29 10.70
N ALA B 207 -28.90 6.14 10.97
CA ALA B 207 -27.51 5.82 10.70
C ALA B 207 -26.67 5.88 11.98
N ARG B 208 -25.74 4.94 12.11
CA ARG B 208 -24.87 4.90 13.28
C ARG B 208 -23.46 4.60 12.83
N LEU B 209 -22.46 5.27 13.42
CA LEU B 209 -21.08 4.92 13.13
C LEU B 209 -20.65 3.68 13.90
N ILE B 210 -19.87 2.82 13.24
CA ILE B 210 -19.44 1.56 13.86
C ILE B 210 -17.95 1.56 14.16
N ASP B 211 -17.61 1.15 15.37
CA ASP B 211 -16.21 1.06 15.82
C ASP B 211 -15.40 2.32 15.56
N ALA B 212 -15.97 3.46 15.96
CA ALA B 212 -15.30 4.74 15.86
C ALA B 212 -15.46 5.51 17.17
N PRO B 213 -14.88 4.99 18.26
CA PRO B 213 -15.10 5.56 19.59
C PRO B 213 -14.72 7.04 19.72
N HIS B 214 -13.90 7.55 18.82
CA HIS B 214 -13.47 8.94 18.91
C HIS B 214 -14.31 9.89 18.05
N LEU B 215 -15.32 9.35 17.38
CA LEU B 215 -16.24 10.13 16.58
C LEU B 215 -17.63 10.08 17.25
N PRO B 216 -18.60 10.89 16.74
CA PRO B 216 -19.92 10.92 17.37
C PRO B 216 -20.53 9.54 17.61
N GLU B 217 -21.13 9.37 18.78
CA GLU B 217 -21.66 8.08 19.20
C GLU B 217 -23.19 8.01 19.14
N GLY B 218 -23.81 9.10 18.69
CA GLY B 218 -25.26 9.13 18.54
C GLY B 218 -25.71 8.54 17.22
N GLU B 219 -26.95 8.87 16.83
CA GLU B 219 -27.50 8.40 15.57
C GLU B 219 -28.10 9.56 14.79
N ALA B 220 -27.92 9.51 13.47
CA ALA B 220 -28.55 10.45 12.54
C ALA B 220 -29.85 9.83 12.09
N VAL B 221 -30.82 10.68 11.78
CA VAL B 221 -32.12 10.22 11.31
C VAL B 221 -32.49 11.04 10.10
N PHE B 222 -32.91 10.37 9.03
CA PHE B 222 -33.23 11.05 7.79
C PHE B 222 -34.34 10.37 7.00
N SER B 223 -34.83 11.03 5.96
CA SER B 223 -35.88 10.48 5.11
C SER B 223 -35.38 10.37 3.69
N ILE B 224 -36.03 9.52 2.90
CA ILE B 224 -35.75 9.47 1.47
C ILE B 224 -36.89 10.21 0.77
N THR B 225 -36.56 11.26 0.01
CA THR B 225 -37.56 12.15 -0.59
C THR B 225 -37.25 12.47 -2.05
N GLU B 226 -37.99 13.42 -2.62
CA GLU B 226 -37.74 13.86 -3.98
C GLU B 226 -36.39 14.55 -4.13
N LYS B 227 -35.80 14.97 -3.01
CA LYS B 227 -34.48 15.61 -3.01
C LYS B 227 -33.36 14.60 -2.75
N GLY B 228 -33.69 13.32 -2.81
CA GLY B 228 -32.72 12.27 -2.52
C GLY B 228 -32.88 11.80 -1.08
N ILE B 229 -31.96 12.21 -0.21
CA ILE B 229 -32.22 12.08 1.21
C ILE B 229 -32.14 13.45 1.85
N GLU B 230 -32.86 13.63 2.95
CA GLU B 230 -32.87 14.88 3.71
C GLU B 230 -33.40 14.59 5.11
N ASP B 231 -33.27 15.52 6.03
CA ASP B 231 -33.74 15.29 7.40
C ASP B 231 -35.22 14.94 7.38
#